data_6XXQ
#
_entry.id   6XXQ
#
_cell.length_a   133.532
_cell.length_b   69.312
_cell.length_c   94.517
_cell.angle_alpha   90.000
_cell.angle_beta   135.000
_cell.angle_gamma   90.000
#
_symmetry.space_group_name_H-M   'C 1 2 1'
#
loop_
_entity.id
_entity.type
_entity.pdbx_description
1 polymer "Streptomycin 3''-adenylyltransferase"
2 non-polymer 'SODIUM ION'
3 non-polymer 'MAGNESIUM ION'
4 non-polymer "ADENOSINE-5'-TRIPHOSPHATE"
5 non-polymer SPECTINOMYCIN
6 water water
#
_entity_poly.entity_id   1
_entity_poly.type   'polypeptide(L)'
_entity_poly.pdbx_seq_one_letter_code
;MRRIYLNTYEQINKVKKILRKHLKNNLIGTYMFGSGVESGLKPNSDLDFLVVVSEPLTDQSKEILIQKIRPISKKIGDKS
NLRYIELTIIIQQEMVPWNHPPKQEFIYGEWLQELYEQGYIPQKELNSDLTIMLYQAKRKNKRIYGNYDLEELLPDIPFS
DVRRAIMDSSEELIDNYQDDETNSILTLCRMILTMDTGKIIPKDIAGNAVAESSPLEHRERILLAVRSYLGENIEWTNEN
VNLTINYLNNRLKKLKGHHHHHH
;
_entity_poly.pdbx_strand_id   A,B
#
loop_
_chem_comp.id
_chem_comp.type
_chem_comp.name
_chem_comp.formula
ATP non-polymer ADENOSINE-5'-TRIPHOSPHATE 'C10 H16 N5 O13 P3'
MG non-polymer 'MAGNESIUM ION' 'Mg 2'
NA non-polymer 'SODIUM ION' 'Na 1'
SCM non-polymer SPECTINOMYCIN 'C14 H24 N2 O7'
#
# COMPACT_ATOMS: atom_id res chain seq x y z
N ASN A 7 -38.79 -13.88 -7.06
CA ASN A 7 -38.09 -15.16 -7.12
C ASN A 7 -36.73 -14.99 -7.80
N THR A 8 -35.74 -15.77 -7.36
CA THR A 8 -34.41 -15.67 -7.95
C THR A 8 -34.32 -16.44 -9.27
N TYR A 9 -34.93 -17.63 -9.34
CA TYR A 9 -35.01 -18.33 -10.60
C TYR A 9 -35.93 -17.64 -11.60
N GLU A 10 -36.73 -16.68 -11.15
CA GLU A 10 -37.58 -15.91 -12.06
C GLU A 10 -36.76 -14.91 -12.86
N GLN A 11 -35.76 -14.27 -12.24
CA GLN A 11 -34.95 -13.30 -12.97
C GLN A 11 -34.10 -13.97 -14.03
N ILE A 12 -33.48 -15.10 -13.70
CA ILE A 12 -32.64 -15.80 -14.67
C ILE A 12 -33.46 -16.21 -15.89
N ASN A 13 -34.68 -16.69 -15.66
CA ASN A 13 -35.55 -17.04 -16.78
C ASN A 13 -35.95 -15.80 -17.57
N LYS A 14 -36.10 -14.66 -16.90
CA LYS A 14 -36.39 -13.41 -17.60
C LYS A 14 -35.18 -12.92 -18.39
N VAL A 15 -33.98 -13.04 -17.80
CA VAL A 15 -32.76 -12.63 -18.50
C VAL A 15 -32.54 -13.47 -19.75
N LYS A 16 -32.87 -14.77 -19.67
CA LYS A 16 -32.72 -15.64 -20.83
C LYS A 16 -33.62 -15.19 -21.97
N LYS A 17 -34.83 -14.75 -21.67
CA LYS A 17 -35.77 -14.34 -22.72
C LYS A 17 -35.34 -13.04 -23.38
N ILE A 18 -34.82 -12.10 -22.59
CA ILE A 18 -34.40 -10.81 -23.15
C ILE A 18 -33.24 -11.01 -24.12
N LEU A 19 -32.27 -11.83 -23.76
CA LEU A 19 -31.12 -12.06 -24.63
C LEU A 19 -31.51 -12.83 -25.88
N ARG A 20 -32.43 -13.79 -25.75
CA ARG A 20 -32.80 -14.63 -26.87
C ARG A 20 -33.64 -13.87 -27.90
N LYS A 21 -34.60 -13.08 -27.43
CA LYS A 21 -35.54 -12.40 -28.31
C LYS A 21 -35.11 -10.97 -28.66
N HIS A 22 -33.84 -10.65 -28.49
CA HIS A 22 -33.30 -9.39 -28.96
C HIS A 22 -31.97 -9.55 -29.67
N LEU A 23 -31.14 -10.48 -29.22
CA LEU A 23 -29.94 -10.84 -29.98
C LEU A 23 -30.29 -11.75 -31.15
N LYS A 24 -31.36 -12.54 -31.02
CA LYS A 24 -31.89 -13.41 -32.08
C LYS A 24 -30.79 -14.40 -32.47
N ASN A 25 -30.58 -14.65 -33.76
CA ASN A 25 -29.60 -15.64 -34.19
C ASN A 25 -28.15 -15.16 -34.06
N ASN A 26 -27.94 -13.97 -33.50
CA ASN A 26 -26.59 -13.53 -33.15
C ASN A 26 -26.09 -14.16 -31.86
N LEU A 27 -26.99 -14.68 -31.03
CA LEU A 27 -26.62 -15.24 -29.74
C LEU A 27 -26.12 -16.67 -29.92
N ILE A 28 -24.89 -16.93 -29.46
CA ILE A 28 -24.32 -18.27 -29.50
C ILE A 28 -24.66 -19.05 -28.23
N GLY A 29 -24.51 -18.42 -27.07
CA GLY A 29 -24.81 -19.06 -25.82
C GLY A 29 -24.81 -18.11 -24.64
N THR A 30 -25.55 -18.45 -23.59
CA THR A 30 -25.62 -17.63 -22.38
C THR A 30 -25.29 -18.50 -21.19
N TYR A 31 -24.31 -18.08 -20.40
CA TYR A 31 -23.83 -18.85 -19.26
C TYR A 31 -23.72 -17.96 -18.03
N MET A 32 -23.92 -18.58 -16.87
CA MET A 32 -23.72 -17.93 -15.58
C MET A 32 -22.46 -18.43 -14.92
N PHE A 33 -21.74 -17.54 -14.24
CA PHE A 33 -20.70 -17.97 -13.32
C PHE A 33 -20.98 -17.35 -11.95
N GLY A 34 -19.95 -17.27 -11.11
CA GLY A 34 -20.11 -16.59 -9.84
C GLY A 34 -20.76 -17.46 -8.77
N SER A 35 -21.41 -16.79 -7.81
CA SER A 35 -22.02 -17.46 -6.67
C SER A 35 -23.18 -18.38 -7.06
N GLY A 36 -23.71 -18.26 -8.27
CA GLY A 36 -24.80 -19.12 -8.67
C GLY A 36 -24.35 -20.55 -8.94
N VAL A 37 -23.18 -20.71 -9.57
CA VAL A 37 -22.77 -21.99 -10.10
C VAL A 37 -21.75 -22.65 -9.18
N GLU A 38 -20.99 -21.83 -8.44
CA GLU A 38 -19.92 -22.34 -7.61
C GLU A 38 -20.35 -22.38 -6.15
N SER A 39 -20.23 -21.24 -5.47
CA SER A 39 -20.64 -21.14 -4.07
C SER A 39 -22.15 -21.10 -3.97
N GLY A 40 -22.67 -20.57 -2.86
CA GLY A 40 -24.09 -20.37 -2.68
C GLY A 40 -24.40 -18.89 -2.67
N LEU A 41 -25.61 -18.55 -3.12
CA LEU A 41 -26.04 -17.15 -3.11
C LEU A 41 -26.15 -16.64 -1.67
N LYS A 42 -25.31 -15.68 -1.33
CA LYS A 42 -25.33 -15.02 -0.04
C LYS A 42 -26.33 -13.87 -0.07
N PRO A 43 -26.75 -13.35 1.09
CA PRO A 43 -27.89 -12.41 1.11
C PRO A 43 -27.86 -11.30 0.08
N ASN A 44 -26.70 -10.71 -0.19
CA ASN A 44 -26.58 -9.62 -1.14
C ASN A 44 -25.68 -10.00 -2.31
N SER A 45 -25.83 -11.23 -2.80
CA SER A 45 -25.07 -11.68 -3.95
C SER A 45 -25.70 -11.13 -5.23
N ASP A 46 -25.07 -11.41 -6.37
CA ASP A 46 -25.52 -10.94 -7.67
C ASP A 46 -25.65 -12.12 -8.63
N LEU A 47 -26.18 -11.82 -9.81
CA LEU A 47 -26.37 -12.81 -10.86
C LEU A 47 -25.41 -12.48 -12.00
N ASP A 48 -24.36 -13.29 -12.15
CA ASP A 48 -23.28 -13.03 -13.08
C ASP A 48 -23.48 -13.87 -14.34
N PHE A 49 -23.66 -13.19 -15.47
CA PHE A 49 -23.85 -13.85 -16.76
C PHE A 49 -22.71 -13.52 -17.70
N LEU A 50 -22.29 -14.52 -18.47
CA LEU A 50 -21.35 -14.34 -19.57
C LEU A 50 -22.06 -14.73 -20.86
N VAL A 51 -22.07 -13.80 -21.82
CA VAL A 51 -22.79 -13.97 -23.08
C VAL A 51 -21.77 -14.02 -24.22
N VAL A 52 -21.95 -14.98 -25.12
CA VAL A 52 -21.09 -15.15 -26.27
C VAL A 52 -21.93 -14.95 -27.53
N VAL A 53 -21.52 -14.01 -28.38
CA VAL A 53 -22.21 -13.71 -29.62
C VAL A 53 -21.24 -13.84 -30.77
N SER A 54 -21.77 -13.76 -31.99
CA SER A 54 -21.01 -13.96 -33.21
C SER A 54 -20.49 -12.67 -33.81
N GLU A 55 -21.35 -11.68 -34.02
CA GLU A 55 -20.97 -10.40 -34.61
C GLU A 55 -21.04 -9.28 -33.57
N PRO A 56 -20.31 -8.19 -33.78
CA PRO A 56 -20.36 -7.07 -32.84
C PRO A 56 -21.75 -6.44 -32.80
N LEU A 57 -22.09 -5.90 -31.64
CA LEU A 57 -23.37 -5.23 -31.44
C LEU A 57 -23.24 -3.75 -31.76
N THR A 58 -24.34 -3.16 -32.20
CA THR A 58 -24.37 -1.75 -32.56
C THR A 58 -24.71 -0.89 -31.35
N ASP A 59 -24.54 0.43 -31.52
CA ASP A 59 -24.88 1.36 -30.45
C ASP A 59 -26.34 1.24 -30.06
N GLN A 60 -27.23 1.13 -31.06
CA GLN A 60 -28.65 1.04 -30.76
C GLN A 60 -29.02 -0.29 -30.12
N SER A 61 -28.29 -1.36 -30.46
CA SER A 61 -28.60 -2.67 -29.90
C SER A 61 -28.13 -2.80 -28.46
N LYS A 62 -27.09 -2.06 -28.07
CA LYS A 62 -26.62 -2.10 -26.69
C LYS A 62 -27.59 -1.37 -25.77
N GLU A 63 -28.11 -0.23 -26.20
CA GLU A 63 -29.05 0.52 -25.38
C GLU A 63 -30.34 -0.26 -25.16
N ILE A 64 -30.73 -1.10 -26.12
CA ILE A 64 -31.90 -1.95 -25.95
C ILE A 64 -31.73 -2.86 -24.74
N LEU A 65 -30.56 -3.50 -24.62
CA LEU A 65 -30.29 -4.37 -23.49
C LEU A 65 -30.32 -3.58 -22.18
N ILE A 66 -29.65 -2.42 -22.15
CA ILE A 66 -29.63 -1.60 -20.94
C ILE A 66 -31.05 -1.25 -20.53
N GLN A 67 -31.91 -0.93 -21.49
CA GLN A 67 -33.29 -0.58 -21.17
C GLN A 67 -34.14 -1.79 -20.84
N LYS A 68 -33.84 -2.95 -21.45
CA LYS A 68 -34.64 -4.14 -21.19
C LYS A 68 -34.18 -4.88 -19.94
N ILE A 69 -32.91 -4.77 -19.57
CA ILE A 69 -32.41 -5.44 -18.38
C ILE A 69 -32.72 -4.62 -17.13
N ARG A 70 -32.74 -3.28 -17.24
CA ARG A 70 -32.97 -2.42 -16.10
C ARG A 70 -34.21 -2.76 -15.27
N PRO A 71 -35.40 -3.01 -15.85
CA PRO A 71 -36.58 -3.21 -15.00
C PRO A 71 -36.55 -4.47 -14.16
N ILE A 72 -35.66 -5.42 -14.43
CA ILE A 72 -35.65 -6.68 -13.72
C ILE A 72 -34.38 -6.88 -12.89
N SER A 73 -33.54 -5.86 -12.77
CA SER A 73 -32.33 -5.93 -11.96
C SER A 73 -32.47 -5.02 -10.76
N LYS A 74 -32.05 -5.53 -9.60
CA LYS A 74 -32.04 -4.73 -8.39
C LYS A 74 -31.12 -3.52 -8.57
N LYS A 75 -31.48 -2.42 -7.92
CA LYS A 75 -30.69 -1.19 -7.98
C LYS A 75 -30.07 -0.92 -6.62
N ILE A 76 -28.92 -0.25 -6.64
CA ILE A 76 -28.16 -0.01 -5.41
C ILE A 76 -28.96 0.93 -4.51
N GLY A 77 -29.22 0.49 -3.28
CA GLY A 77 -30.02 1.24 -2.33
C GLY A 77 -31.39 0.67 -2.06
N ASP A 78 -31.75 -0.44 -2.72
CA ASP A 78 -33.11 -0.99 -2.62
C ASP A 78 -33.25 -1.94 -1.44
N LYS A 79 -34.42 -1.91 -0.82
CA LYS A 79 -34.89 -2.98 0.04
C LYS A 79 -35.81 -3.88 -0.78
N SER A 80 -35.18 -4.62 -1.69
CA SER A 80 -35.88 -5.34 -2.74
C SER A 80 -35.58 -6.83 -2.70
N ASN A 81 -36.51 -7.60 -3.27
CA ASN A 81 -36.34 -9.04 -3.41
C ASN A 81 -35.47 -9.40 -4.61
N LEU A 82 -35.32 -8.50 -5.57
CA LEU A 82 -34.51 -8.76 -6.75
C LEU A 82 -33.03 -8.87 -6.37
N ARG A 83 -32.22 -9.22 -7.36
CA ARG A 83 -30.78 -9.29 -7.20
C ARG A 83 -30.11 -8.51 -8.32
N TYR A 84 -28.88 -8.07 -8.05
CA TYR A 84 -28.10 -7.35 -9.05
C TYR A 84 -27.84 -8.25 -10.24
N ILE A 85 -28.15 -7.76 -11.44
CA ILE A 85 -27.88 -8.47 -12.68
C ILE A 85 -26.61 -7.90 -13.29
N GLU A 86 -25.63 -8.78 -13.54
CA GLU A 86 -24.38 -8.40 -14.19
C GLU A 86 -24.27 -9.18 -15.49
N LEU A 87 -24.15 -8.46 -16.60
CA LEU A 87 -24.07 -9.05 -17.92
C LEU A 87 -22.77 -8.62 -18.60
N THR A 88 -22.07 -9.59 -19.18
CA THR A 88 -20.86 -9.32 -19.95
C THR A 88 -20.94 -10.08 -21.26
N ILE A 89 -20.75 -9.38 -22.37
CA ILE A 89 -20.88 -9.95 -23.70
C ILE A 89 -19.51 -9.99 -24.37
N ILE A 90 -19.14 -11.15 -24.89
CA ILE A 90 -17.88 -11.33 -25.61
C ILE A 90 -18.19 -11.92 -26.98
N ILE A 91 -17.32 -11.61 -27.94
CA ILE A 91 -17.44 -12.12 -29.31
C ILE A 91 -16.56 -13.34 -29.44
N GLN A 92 -17.14 -14.44 -29.95
CA GLN A 92 -16.43 -15.71 -30.00
C GLN A 92 -15.21 -15.63 -30.91
N GLN A 93 -15.27 -14.83 -31.97
CA GLN A 93 -14.14 -14.70 -32.88
C GLN A 93 -13.04 -13.83 -32.31
N GLU A 94 -13.38 -12.89 -31.41
CA GLU A 94 -12.40 -12.00 -30.82
C GLU A 94 -11.62 -12.63 -29.67
N MET A 95 -11.79 -13.92 -29.43
CA MET A 95 -11.08 -14.59 -28.34
C MET A 95 -9.91 -15.43 -28.81
N VAL A 96 -9.82 -15.74 -30.10
CA VAL A 96 -8.79 -16.63 -30.62
C VAL A 96 -8.03 -15.91 -31.73
N PRO A 97 -6.68 -15.87 -31.70
CA PRO A 97 -5.80 -16.43 -30.67
C PRO A 97 -5.93 -15.69 -29.34
N TRP A 98 -5.71 -16.39 -28.22
CA TRP A 98 -5.90 -15.80 -26.91
C TRP A 98 -4.91 -14.67 -26.67
N ASN A 99 -5.44 -13.54 -26.21
CA ASN A 99 -4.62 -12.37 -25.89
C ASN A 99 -5.10 -11.79 -24.55
N HIS A 100 -4.15 -11.26 -23.79
CA HIS A 100 -4.45 -10.56 -22.56
C HIS A 100 -4.02 -9.11 -22.68
N PRO A 101 -4.90 -8.13 -22.41
CA PRO A 101 -6.30 -8.38 -22.02
C PRO A 101 -7.21 -8.66 -23.20
N PRO A 102 -8.28 -9.40 -22.98
CA PRO A 102 -9.20 -9.76 -24.07
C PRO A 102 -10.10 -8.59 -24.44
N LYS A 103 -10.84 -8.79 -25.54
CA LYS A 103 -11.77 -7.78 -26.04
C LYS A 103 -13.14 -7.99 -25.41
N GLN A 104 -13.66 -6.95 -24.77
CA GLN A 104 -14.97 -6.97 -24.14
C GLN A 104 -15.93 -6.13 -24.98
N GLU A 105 -17.07 -6.73 -25.35
CA GLU A 105 -18.01 -6.05 -26.23
C GLU A 105 -19.03 -5.21 -25.46
N PHE A 106 -19.57 -5.74 -24.36
CA PHE A 106 -20.61 -5.03 -23.63
C PHE A 106 -20.55 -5.40 -22.16
N ILE A 107 -21.02 -4.49 -21.32
CA ILE A 107 -21.12 -4.70 -19.88
C ILE A 107 -22.44 -4.12 -19.38
N TYR A 108 -23.06 -4.82 -18.42
CA TYR A 108 -24.17 -4.26 -17.66
C TYR A 108 -23.80 -4.32 -16.18
N GLY A 109 -23.53 -3.16 -15.60
CA GLY A 109 -23.19 -3.09 -14.19
C GLY A 109 -24.00 -2.05 -13.44
N GLU A 110 -24.59 -2.46 -12.32
CA GLU A 110 -25.39 -1.52 -11.53
C GLU A 110 -24.55 -0.36 -11.00
N TRP A 111 -23.24 -0.54 -10.85
CA TRP A 111 -22.35 0.57 -10.52
C TRP A 111 -22.29 1.58 -11.66
N LEU A 112 -22.58 1.17 -12.88
CA LEU A 112 -22.62 2.05 -14.03
C LEU A 112 -24.02 2.58 -14.32
N GLN A 113 -24.93 2.51 -13.35
CA GLN A 113 -26.32 2.88 -13.61
C GLN A 113 -26.47 4.39 -13.80
N GLU A 114 -25.81 5.18 -12.96
CA GLU A 114 -25.88 6.63 -13.10
C GLU A 114 -25.22 7.12 -14.39
N LEU A 115 -24.54 6.24 -15.12
CA LEU A 115 -24.06 6.54 -16.46
C LEU A 115 -25.00 6.06 -17.55
N TYR A 116 -25.61 4.88 -17.34
CA TYR A 116 -26.63 4.40 -18.27
C TYR A 116 -27.78 5.41 -18.41
N GLU A 117 -28.08 6.13 -17.33
CA GLU A 117 -29.14 7.13 -17.38
C GLU A 117 -28.72 8.36 -18.16
N GLN A 118 -27.43 8.67 -18.18
CA GLN A 118 -26.90 9.83 -18.91
C GLN A 118 -26.52 9.49 -20.34
N GLY A 119 -26.99 8.36 -20.86
CA GLY A 119 -26.74 7.98 -22.24
C GLY A 119 -25.43 7.26 -22.49
N TYR A 120 -24.77 6.76 -21.46
CA TYR A 120 -23.54 6.01 -21.66
C TYR A 120 -23.84 4.65 -22.26
N ILE A 121 -23.14 4.32 -23.34
CA ILE A 121 -23.27 3.02 -24.01
C ILE A 121 -21.88 2.40 -24.09
N PRO A 122 -21.62 1.33 -23.35
CA PRO A 122 -20.27 0.74 -23.33
C PRO A 122 -19.83 0.29 -24.72
N GLN A 123 -18.63 0.71 -25.10
CA GLN A 123 -18.06 0.36 -26.39
C GLN A 123 -17.00 -0.73 -26.24
N LYS A 124 -16.58 -1.27 -27.38
CA LYS A 124 -15.59 -2.33 -27.42
C LYS A 124 -14.30 -1.87 -26.75
N GLU A 125 -13.98 -2.45 -25.59
CA GLU A 125 -12.84 -2.03 -24.80
C GLU A 125 -12.15 -3.24 -24.19
N LEU A 126 -10.87 -3.05 -23.87
CA LEU A 126 -10.09 -4.12 -23.27
C LEU A 126 -10.30 -4.16 -21.76
N ASN A 127 -10.13 -5.35 -21.18
CA ASN A 127 -10.47 -5.57 -19.78
C ASN A 127 -9.62 -6.72 -19.25
N SER A 128 -8.65 -6.40 -18.39
CA SER A 128 -7.86 -7.45 -17.76
C SER A 128 -8.72 -8.30 -16.83
N ASP A 129 -9.68 -7.67 -16.14
CA ASP A 129 -10.55 -8.40 -15.22
C ASP A 129 -11.36 -9.47 -15.94
N LEU A 130 -11.61 -9.29 -17.24
CA LEU A 130 -12.36 -10.29 -17.98
C LEU A 130 -11.61 -11.61 -18.08
N THR A 131 -10.28 -11.57 -18.03
CA THR A 131 -9.51 -12.81 -18.01
C THR A 131 -9.83 -13.64 -16.77
N ILE A 132 -9.90 -12.99 -15.61
CA ILE A 132 -10.28 -13.68 -14.38
C ILE A 132 -11.70 -14.22 -14.49
N MET A 133 -12.62 -13.39 -15.01
CA MET A 133 -13.99 -13.83 -15.20
C MET A 133 -14.06 -15.05 -16.11
N LEU A 134 -13.35 -15.01 -17.23
CA LEU A 134 -13.37 -16.12 -18.17
C LEU A 134 -12.66 -17.35 -17.62
N TYR A 135 -11.61 -17.14 -16.83
CA TYR A 135 -10.86 -18.28 -16.29
C TYR A 135 -11.72 -19.10 -15.34
N GLN A 136 -12.49 -18.44 -14.48
CA GLN A 136 -13.35 -19.16 -13.55
C GLN A 136 -14.67 -19.59 -14.20
N ALA A 137 -15.14 -18.85 -15.21
CA ALA A 137 -16.35 -19.27 -15.91
C ALA A 137 -16.13 -20.55 -16.69
N LYS A 138 -14.98 -20.65 -17.37
CA LYS A 138 -14.67 -21.87 -18.11
C LYS A 138 -14.48 -23.06 -17.18
N ARG A 139 -14.03 -22.82 -15.94
CA ARG A 139 -13.83 -23.92 -15.01
C ARG A 139 -15.15 -24.44 -14.48
N LYS A 140 -16.09 -23.56 -14.17
CA LYS A 140 -17.41 -23.99 -13.74
C LYS A 140 -18.43 -22.89 -14.04
N ASN A 141 -19.57 -23.29 -14.56
CA ASN A 141 -20.61 -22.35 -14.99
C ASN A 141 -21.93 -23.09 -15.10
N LYS A 142 -22.97 -22.37 -15.49
CA LYS A 142 -24.27 -22.95 -15.82
C LYS A 142 -24.67 -22.44 -17.19
N ARG A 143 -24.73 -23.36 -18.16
CA ARG A 143 -25.30 -23.03 -19.47
C ARG A 143 -26.81 -22.87 -19.33
N ILE A 144 -27.30 -21.65 -19.51
CA ILE A 144 -28.73 -21.40 -19.49
C ILE A 144 -29.31 -21.27 -20.89
N TYR A 145 -28.47 -21.06 -21.92
CA TYR A 145 -28.91 -21.07 -23.30
C TYR A 145 -27.69 -21.33 -24.19
N GLY A 146 -27.91 -22.02 -25.29
CA GLY A 146 -26.88 -22.26 -26.27
C GLY A 146 -26.71 -23.71 -26.67
N ASN A 147 -26.32 -23.93 -27.93
CA ASN A 147 -26.08 -25.28 -28.42
C ASN A 147 -24.77 -25.86 -27.89
N TYR A 148 -23.89 -25.03 -27.36
CA TYR A 148 -22.55 -25.44 -26.96
C TYR A 148 -22.31 -25.12 -25.50
N ASP A 149 -21.28 -25.75 -24.94
CA ASP A 149 -20.76 -25.40 -23.63
C ASP A 149 -19.69 -24.32 -23.77
N LEU A 150 -19.54 -23.52 -22.71
CA LEU A 150 -18.56 -22.45 -22.74
C LEU A 150 -17.14 -22.99 -22.87
N GLU A 151 -16.90 -24.20 -22.34
CA GLU A 151 -15.61 -24.85 -22.52
C GLU A 151 -15.29 -25.11 -23.99
N GLU A 152 -16.31 -25.15 -24.85
CA GLU A 152 -16.14 -25.36 -26.27
C GLU A 152 -16.02 -24.05 -27.05
N LEU A 153 -16.34 -22.91 -26.44
CA LEU A 153 -16.36 -21.63 -27.13
C LEU A 153 -15.15 -20.76 -26.80
N LEU A 154 -14.29 -21.20 -25.88
CA LEU A 154 -13.14 -20.43 -25.44
C LEU A 154 -11.88 -21.26 -25.53
N PRO A 155 -10.74 -20.64 -25.81
CA PRO A 155 -9.47 -21.33 -25.69
C PRO A 155 -9.06 -21.46 -24.24
N ASP A 156 -8.14 -22.40 -24.00
CA ASP A 156 -7.61 -22.57 -22.65
C ASP A 156 -6.79 -21.34 -22.27
N ILE A 157 -7.18 -20.68 -21.18
CA ILE A 157 -6.56 -19.44 -20.75
C ILE A 157 -5.41 -19.79 -19.82
N PRO A 158 -4.16 -19.44 -20.15
CA PRO A 158 -3.04 -19.80 -19.29
C PRO A 158 -3.10 -19.06 -17.96
N PHE A 159 -2.63 -19.74 -16.91
CA PHE A 159 -2.64 -19.15 -15.58
C PHE A 159 -1.72 -17.94 -15.47
N SER A 160 -0.71 -17.83 -16.33
CA SER A 160 0.17 -16.66 -16.28
C SER A 160 -0.59 -15.38 -16.59
N ASP A 161 -1.53 -15.45 -17.55
CA ASP A 161 -2.35 -14.27 -17.85
C ASP A 161 -3.32 -13.97 -16.71
N VAL A 162 -3.72 -14.99 -15.95
CA VAL A 162 -4.59 -14.76 -14.80
C VAL A 162 -3.85 -13.95 -13.74
N ARG A 163 -2.56 -14.25 -13.52
CA ARG A 163 -1.75 -13.44 -12.61
C ARG A 163 -1.67 -12.00 -13.11
N ARG A 164 -1.40 -11.83 -14.41
CA ARG A 164 -1.35 -10.49 -14.99
C ARG A 164 -2.67 -9.77 -14.80
N ALA A 165 -3.79 -10.49 -14.96
CA ALA A 165 -5.10 -9.88 -14.74
C ALA A 165 -5.29 -9.48 -13.29
N ILE A 166 -4.82 -10.32 -12.37
CA ILE A 166 -4.93 -10.00 -10.94
C ILE A 166 -4.15 -8.74 -10.61
N MET A 167 -2.92 -8.64 -11.09
CA MET A 167 -2.09 -7.49 -10.75
C MET A 167 -2.54 -6.23 -11.48
N ASP A 168 -3.08 -6.37 -12.69
CA ASP A 168 -3.56 -5.20 -13.42
C ASP A 168 -4.89 -4.70 -12.86
N SER A 169 -5.83 -5.62 -12.62
CA SER A 169 -7.12 -5.26 -12.04
C SER A 169 -7.01 -4.87 -10.57
N SER A 170 -5.86 -5.09 -9.94
CA SER A 170 -5.71 -4.71 -8.54
C SER A 170 -5.69 -3.21 -8.35
N GLU A 171 -5.12 -2.47 -9.31
CA GLU A 171 -4.98 -1.03 -9.16
C GLU A 171 -6.33 -0.33 -9.21
N GLU A 172 -7.26 -0.84 -10.01
CA GLU A 172 -8.60 -0.25 -10.07
C GLU A 172 -9.36 -0.48 -8.77
N LEU A 173 -9.15 -1.63 -8.15
CA LEU A 173 -9.92 -1.97 -6.96
C LEU A 173 -9.43 -1.18 -5.73
N ILE A 174 -8.11 -1.11 -5.55
CA ILE A 174 -7.56 -0.41 -4.39
C ILE A 174 -7.89 1.07 -4.44
N ASP A 175 -8.03 1.63 -5.64
CA ASP A 175 -8.36 3.04 -5.80
C ASP A 175 -9.86 3.32 -5.76
N ASN A 176 -10.67 2.32 -5.38
CA ASN A 176 -12.12 2.47 -5.47
C ASN A 176 -12.87 1.69 -4.40
N TYR A 177 -12.26 1.46 -3.23
CA TYR A 177 -12.94 0.67 -2.21
C TYR A 177 -14.08 1.43 -1.56
N GLN A 178 -14.09 2.77 -1.69
CA GLN A 178 -15.11 3.58 -1.04
C GLN A 178 -16.50 3.17 -1.48
N ASP A 179 -17.38 2.91 -0.51
CA ASP A 179 -18.74 2.41 -0.75
C ASP A 179 -18.72 1.04 -1.44
N ASP A 180 -17.66 0.27 -1.20
CA ASP A 180 -17.57 -1.12 -1.64
C ASP A 180 -16.52 -1.82 -0.78
N GLU A 181 -16.51 -1.48 0.51
CA GLU A 181 -15.44 -1.92 1.39
C GLU A 181 -15.46 -3.43 1.60
N THR A 182 -16.65 -4.01 1.72
CA THR A 182 -16.75 -5.44 2.01
C THR A 182 -16.27 -6.28 0.82
N ASN A 183 -16.64 -5.89 -0.39
CA ASN A 183 -16.23 -6.66 -1.56
C ASN A 183 -14.79 -6.38 -1.96
N SER A 184 -14.29 -5.18 -1.69
CA SER A 184 -12.91 -4.86 -2.03
C SER A 184 -11.93 -5.62 -1.14
N ILE A 185 -12.27 -5.77 0.14
CA ILE A 185 -11.40 -6.52 1.05
C ILE A 185 -11.34 -7.99 0.66
N LEU A 186 -12.48 -8.58 0.35
CA LEU A 186 -12.52 -10.01 0.05
C LEU A 186 -11.88 -10.32 -1.29
N THR A 187 -12.11 -9.48 -2.30
CA THR A 187 -11.52 -9.73 -3.61
C THR A 187 -10.00 -9.67 -3.53
N LEU A 188 -9.46 -8.72 -2.74
CA LEU A 188 -8.03 -8.71 -2.48
C LEU A 188 -7.58 -10.01 -1.81
N CYS A 189 -8.37 -10.52 -0.87
CA CYS A 189 -8.07 -11.82 -0.27
C CYS A 189 -8.13 -12.93 -1.31
N ARG A 190 -9.10 -12.85 -2.24
CA ARG A 190 -9.19 -13.84 -3.32
C ARG A 190 -8.01 -13.71 -4.28
N MET A 191 -7.53 -12.48 -4.51
CA MET A 191 -6.37 -12.30 -5.38
C MET A 191 -5.11 -12.87 -4.74
N ILE A 192 -4.93 -12.65 -3.44
CA ILE A 192 -3.74 -13.16 -2.75
C ILE A 192 -3.68 -14.68 -2.86
N LEU A 193 -4.81 -15.35 -2.62
CA LEU A 193 -4.83 -16.81 -2.68
C LEU A 193 -4.61 -17.30 -4.11
N THR A 194 -5.41 -16.82 -5.05
CA THR A 194 -5.31 -17.28 -6.44
C THR A 194 -3.89 -17.13 -6.96
N MET A 195 -3.19 -16.07 -6.56
CA MET A 195 -1.79 -15.92 -6.93
C MET A 195 -0.93 -17.05 -6.38
N ASP A 196 -1.28 -17.57 -5.21
CA ASP A 196 -0.44 -18.55 -4.53
C ASP A 196 -1.02 -19.96 -4.51
N THR A 197 -2.34 -20.11 -4.57
CA THR A 197 -2.94 -21.44 -4.49
C THR A 197 -3.45 -21.95 -5.84
N GLY A 198 -3.84 -21.06 -6.76
CA GLY A 198 -4.24 -21.50 -8.07
C GLY A 198 -5.75 -21.51 -8.30
N LYS A 199 -6.51 -22.09 -7.38
CA LYS A 199 -7.94 -22.21 -7.58
C LYS A 199 -8.63 -20.91 -7.14
N ILE A 200 -9.87 -20.74 -7.62
CA ILE A 200 -10.73 -19.62 -7.20
C ILE A 200 -11.54 -20.08 -5.99
N ILE A 201 -11.67 -19.18 -5.01
CA ILE A 201 -12.29 -19.51 -3.73
C ILE A 201 -13.51 -18.60 -3.55
N PRO A 202 -14.60 -19.09 -2.94
CA PRO A 202 -15.67 -18.19 -2.54
C PRO A 202 -15.16 -17.08 -1.63
N LYS A 203 -15.92 -15.97 -1.59
CA LYS A 203 -15.45 -14.78 -0.89
C LYS A 203 -15.29 -15.03 0.61
N ASP A 204 -16.22 -15.78 1.21
CA ASP A 204 -16.18 -15.98 2.66
C ASP A 204 -14.98 -16.83 3.07
N ILE A 205 -14.73 -17.93 2.35
CA ILE A 205 -13.61 -18.80 2.70
C ILE A 205 -12.29 -18.09 2.48
N ALA A 206 -12.16 -17.41 1.33
CA ALA A 206 -10.92 -16.68 1.02
C ALA A 206 -10.66 -15.60 2.06
N GLY A 207 -11.72 -14.96 2.56
CA GLY A 207 -11.54 -13.97 3.61
C GLY A 207 -11.08 -14.61 4.90
N ASN A 208 -11.72 -15.70 5.31
CA ASN A 208 -11.33 -16.37 6.55
C ASN A 208 -9.92 -16.93 6.47
N ALA A 209 -9.46 -17.30 5.28
CA ALA A 209 -8.12 -17.86 5.14
C ALA A 209 -7.06 -16.78 5.27
N VAL A 210 -7.24 -15.65 4.56
CA VAL A 210 -6.25 -14.58 4.60
C VAL A 210 -6.28 -13.87 5.94
N ALA A 211 -7.42 -13.88 6.63
CA ALA A 211 -7.53 -13.21 7.92
C ALA A 211 -6.58 -13.84 8.95
N GLU A 212 -6.72 -15.14 9.19
CA GLU A 212 -5.85 -15.83 10.13
C GLU A 212 -4.40 -15.92 9.65
N SER A 213 -4.11 -15.40 8.45
CA SER A 213 -2.74 -15.27 7.96
C SER A 213 -2.28 -13.82 7.98
N SER A 214 -2.96 -12.96 8.73
CA SER A 214 -2.75 -11.53 8.73
C SER A 214 -2.59 -11.03 10.16
N PRO A 215 -1.98 -9.85 10.33
CA PRO A 215 -1.92 -9.25 11.67
C PRO A 215 -3.30 -9.02 12.26
N LEU A 216 -3.34 -8.88 13.58
CA LEU A 216 -4.62 -8.83 14.29
C LEU A 216 -5.47 -7.65 13.83
N GLU A 217 -4.86 -6.46 13.68
CA GLU A 217 -5.64 -5.29 13.30
C GLU A 217 -6.29 -5.46 11.93
N HIS A 218 -5.64 -6.19 11.03
CA HIS A 218 -6.21 -6.48 9.72
C HIS A 218 -7.05 -7.75 9.72
N ARG A 219 -6.66 -8.75 10.53
CA ARG A 219 -7.47 -9.94 10.68
C ARG A 219 -8.90 -9.61 11.09
N GLU A 220 -9.06 -8.69 12.05
CA GLU A 220 -10.39 -8.36 12.54
C GLU A 220 -11.22 -7.66 11.48
N ARG A 221 -10.60 -6.76 10.71
CA ARG A 221 -11.35 -6.07 9.66
C ARG A 221 -11.69 -7.00 8.51
N ILE A 222 -10.83 -7.97 8.21
CA ILE A 222 -11.16 -8.97 7.21
C ILE A 222 -12.30 -9.86 7.69
N LEU A 223 -12.18 -10.37 8.92
CA LEU A 223 -13.27 -11.14 9.51
C LEU A 223 -14.54 -10.32 9.61
N LEU A 224 -14.41 -9.01 9.78
CA LEU A 224 -15.57 -8.14 9.79
C LEU A 224 -16.25 -8.09 8.42
N ALA A 225 -15.45 -8.18 7.35
CA ALA A 225 -16.03 -8.21 6.01
C ALA A 225 -16.60 -9.57 5.66
N VAL A 226 -16.05 -10.64 6.23
CA VAL A 226 -16.60 -11.97 6.01
C VAL A 226 -18.04 -12.04 6.50
N ARG A 227 -18.32 -11.40 7.63
CA ARG A 227 -19.68 -11.42 8.15
C ARG A 227 -20.61 -10.50 7.36
N SER A 228 -20.08 -9.38 6.86
CA SER A 228 -20.90 -8.51 6.03
C SER A 228 -21.27 -9.20 4.72
N TYR A 229 -20.33 -9.95 4.14
CA TYR A 229 -20.65 -10.75 2.96
C TYR A 229 -21.73 -11.78 3.26
N LEU A 230 -21.85 -12.19 4.53
CA LEU A 230 -22.93 -13.05 4.95
C LEU A 230 -24.11 -12.21 5.41
N GLY A 231 -24.81 -12.64 6.46
CA GLY A 231 -26.03 -11.96 6.86
C GLY A 231 -25.84 -10.68 7.64
N GLU A 232 -24.65 -10.45 8.19
CA GLU A 232 -24.45 -9.33 9.09
C GLU A 232 -24.62 -7.99 8.38
N ASN A 233 -24.98 -6.97 9.16
CA ASN A 233 -25.18 -5.62 8.66
C ASN A 233 -24.07 -4.72 9.19
N ILE A 234 -22.88 -4.87 8.61
CA ILE A 234 -21.69 -4.16 9.06
C ILE A 234 -21.70 -2.75 8.50
N GLU A 235 -21.25 -1.79 9.32
CA GLU A 235 -21.13 -0.40 8.91
C GLU A 235 -19.68 0.03 9.10
N TRP A 236 -19.03 0.44 8.00
CA TRP A 236 -17.61 0.73 7.97
C TRP A 236 -17.29 2.19 8.27
N THR A 237 -18.16 2.89 9.01
CA THR A 237 -18.02 4.34 9.14
C THR A 237 -16.76 4.73 9.91
N ASN A 238 -16.46 4.03 10.99
CA ASN A 238 -15.37 4.41 11.89
C ASN A 238 -14.35 3.28 12.03
N GLU A 239 -14.08 2.56 10.94
CA GLU A 239 -13.15 1.44 10.97
C GLU A 239 -11.84 1.68 10.23
N ASN A 240 -11.79 2.66 9.33
CA ASN A 240 -10.60 2.92 8.52
C ASN A 240 -10.19 1.67 7.74
N VAL A 241 -10.91 1.37 6.66
CA VAL A 241 -10.59 0.24 5.81
C VAL A 241 -9.28 0.48 5.05
N ASN A 242 -8.90 1.75 4.87
CA ASN A 242 -7.71 2.08 4.09
C ASN A 242 -6.48 1.36 4.62
N LEU A 243 -6.34 1.25 5.94
CA LEU A 243 -5.17 0.59 6.51
C LEU A 243 -5.12 -0.89 6.12
N THR A 244 -6.28 -1.54 6.01
CA THR A 244 -6.30 -2.96 5.68
C THR A 244 -6.09 -3.20 4.20
N ILE A 245 -6.76 -2.44 3.34
CA ILE A 245 -6.58 -2.66 1.90
C ILE A 245 -5.17 -2.30 1.47
N ASN A 246 -4.52 -1.36 2.15
CA ASN A 246 -3.11 -1.11 1.88
C ASN A 246 -2.26 -2.31 2.27
N TYR A 247 -2.60 -2.96 3.39
CA TYR A 247 -1.88 -4.16 3.79
C TYR A 247 -2.11 -5.30 2.78
N LEU A 248 -3.37 -5.55 2.44
CA LEU A 248 -3.67 -6.58 1.44
C LEU A 248 -3.06 -6.23 0.08
N ASN A 249 -2.93 -4.94 -0.21
CA ASN A 249 -2.28 -4.53 -1.45
C ASN A 249 -0.80 -4.90 -1.43
N ASN A 250 -0.08 -4.48 -0.40
CA ASN A 250 1.36 -4.75 -0.34
C ASN A 250 1.64 -6.24 -0.24
N ARG A 251 0.78 -6.98 0.49
CA ARG A 251 0.92 -8.43 0.52
C ARG A 251 0.72 -9.03 -0.86
N LEU A 252 -0.24 -8.49 -1.63
CA LEU A 252 -0.41 -8.93 -3.01
C LEU A 252 0.72 -8.42 -3.89
N LYS A 253 1.18 -7.18 -3.63
CA LYS A 253 2.25 -6.61 -4.44
C LYS A 253 3.55 -7.40 -4.29
N LYS A 254 3.73 -8.08 -3.17
CA LYS A 254 4.92 -8.88 -2.94
C LYS A 254 4.70 -10.34 -3.34
N ASN B 7 14.00 -3.29 27.34
CA ASN B 7 13.12 -3.86 26.32
C ASN B 7 12.83 -2.82 25.25
N THR B 8 12.92 -3.23 23.99
CA THR B 8 12.72 -2.29 22.88
C THR B 8 11.24 -2.06 22.61
N TYR B 9 10.42 -3.12 22.62
CA TYR B 9 8.99 -2.94 22.40
C TYR B 9 8.34 -2.24 23.59
N GLU B 10 8.79 -2.54 24.81
CA GLU B 10 8.29 -1.84 25.98
C GLU B 10 8.63 -0.35 25.93
N GLN B 11 9.70 0.01 25.20
CA GLN B 11 10.09 1.40 25.09
C GLN B 11 9.31 2.14 24.01
N ILE B 12 8.99 1.45 22.92
CA ILE B 12 8.21 2.06 21.84
C ILE B 12 6.79 2.33 22.32
N ASN B 13 6.19 1.40 23.07
CA ASN B 13 4.83 1.60 23.54
C ASN B 13 4.73 2.79 24.49
N LYS B 14 5.79 3.06 25.26
CA LYS B 14 5.79 4.25 26.11
C LYS B 14 5.81 5.52 25.26
N VAL B 15 6.61 5.52 24.18
CA VAL B 15 6.64 6.67 23.28
C VAL B 15 5.28 6.88 22.63
N LYS B 16 4.53 5.80 22.41
CA LYS B 16 3.18 5.92 21.84
C LYS B 16 2.23 6.61 22.81
N LYS B 17 2.28 6.22 24.10
CA LYS B 17 1.37 6.82 25.07
C LYS B 17 1.66 8.29 25.30
N ILE B 18 2.94 8.66 25.35
CA ILE B 18 3.32 10.05 25.60
C ILE B 18 2.78 10.95 24.49
N LEU B 19 2.99 10.55 23.24
CA LEU B 19 2.51 11.34 22.11
C LEU B 19 0.99 11.40 22.05
N ARG B 20 0.32 10.35 22.53
CA ARG B 20 -1.14 10.30 22.43
C ARG B 20 -1.81 11.17 23.48
N LYS B 21 -1.39 11.08 24.73
CA LYS B 21 -2.05 11.76 25.83
C LYS B 21 -1.53 13.16 26.09
N HIS B 22 -0.59 13.65 25.27
CA HIS B 22 -0.17 15.04 25.34
C HIS B 22 -0.40 15.82 24.06
N LEU B 23 -0.47 15.15 22.91
CA LEU B 23 -0.88 15.79 21.67
C LEU B 23 -2.38 15.64 21.42
N LYS B 24 -3.11 15.02 22.36
CA LYS B 24 -4.57 14.84 22.31
C LYS B 24 -5.08 14.55 20.89
N ASN B 25 -6.18 15.18 20.49
CA ASN B 25 -6.74 14.99 19.16
C ASN B 25 -6.02 15.83 18.12
N ASN B 26 -4.75 16.15 18.35
CA ASN B 26 -3.90 16.77 17.36
C ASN B 26 -2.92 15.79 16.73
N LEU B 27 -2.81 14.58 17.28
CA LEU B 27 -1.91 13.57 16.74
C LEU B 27 -2.61 12.83 15.61
N ILE B 28 -2.09 12.97 14.38
CA ILE B 28 -2.68 12.28 13.24
C ILE B 28 -2.19 10.84 13.16
N GLY B 29 -0.89 10.63 13.34
CA GLY B 29 -0.32 9.30 13.31
C GLY B 29 1.15 9.29 13.66
N THR B 30 1.55 8.36 14.50
CA THR B 30 2.95 8.18 14.87
C THR B 30 3.53 7.01 14.08
N TYR B 31 4.60 7.27 13.33
CA TYR B 31 5.24 6.25 12.54
C TYR B 31 6.72 6.16 12.90
N MET B 32 7.35 5.08 12.45
CA MET B 32 8.69 4.71 12.89
C MET B 32 9.46 4.13 11.71
N PHE B 33 10.44 4.86 11.20
CA PHE B 33 11.29 4.37 10.14
C PHE B 33 12.61 3.91 10.74
N GLY B 34 13.67 3.86 9.93
CA GLY B 34 15.00 3.65 10.44
C GLY B 34 15.40 2.19 10.54
N SER B 35 16.39 1.93 11.39
CA SER B 35 16.95 0.60 11.55
C SER B 35 15.97 -0.37 12.18
N GLY B 36 14.90 0.12 12.80
CA GLY B 36 13.94 -0.78 13.44
C GLY B 36 13.00 -1.47 12.50
N VAL B 37 12.84 -0.95 11.27
CA VAL B 37 11.90 -1.49 10.30
C VAL B 37 12.58 -1.89 9.00
N GLU B 38 13.51 -1.06 8.50
CA GLU B 38 14.18 -1.37 7.24
C GLU B 38 15.25 -2.43 7.44
N SER B 39 16.26 -2.12 8.26
CA SER B 39 17.30 -3.07 8.60
C SER B 39 16.92 -3.76 9.91
N GLY B 40 17.89 -4.37 10.59
CA GLY B 40 17.68 -4.93 11.91
C GLY B 40 18.41 -4.07 12.93
N LEU B 41 17.82 -3.96 14.12
CA LEU B 41 18.43 -3.16 15.18
C LEU B 41 19.79 -3.72 15.56
N LYS B 42 20.81 -2.87 15.50
CA LYS B 42 22.18 -3.20 15.86
C LYS B 42 22.45 -2.81 17.31
N PRO B 43 23.55 -3.30 17.90
CA PRO B 43 23.71 -3.15 19.36
C PRO B 43 23.58 -1.72 19.88
N ASN B 44 23.86 -0.71 19.07
CA ASN B 44 23.75 0.67 19.52
C ASN B 44 23.00 1.49 18.47
N SER B 45 21.73 1.15 18.27
CA SER B 45 20.87 1.86 17.32
C SER B 45 19.91 2.77 18.07
N ASP B 46 19.19 3.59 17.32
CA ASP B 46 18.22 4.51 17.87
C ASP B 46 16.81 4.10 17.46
N LEU B 47 15.83 4.76 18.07
CA LEU B 47 14.42 4.53 17.78
C LEU B 47 13.91 5.74 17.01
N ASP B 48 13.93 5.65 15.69
CA ASP B 48 13.59 6.76 14.82
C ASP B 48 12.07 6.87 14.70
N PHE B 49 11.51 7.97 15.17
CA PHE B 49 10.07 8.20 15.11
C PHE B 49 9.76 9.42 14.27
N LEU B 50 8.69 9.32 13.48
CA LEU B 50 8.14 10.44 12.73
C LEU B 50 6.70 10.67 13.18
N VAL B 51 6.34 11.93 13.38
CA VAL B 51 5.04 12.30 13.92
C VAL B 51 4.41 13.35 13.02
N VAL B 52 3.15 13.13 12.64
CA VAL B 52 2.38 14.05 11.82
C VAL B 52 1.27 14.64 12.67
N VAL B 53 1.20 15.96 12.74
CA VAL B 53 0.18 16.66 13.51
C VAL B 53 -0.52 17.66 12.59
N SER B 54 -1.66 18.17 13.06
CA SER B 54 -2.47 19.10 12.27
C SER B 54 -2.07 20.56 12.53
N GLU B 55 -2.09 20.98 13.78
CA GLU B 55 -1.79 22.35 14.15
C GLU B 55 -0.42 22.44 14.82
N PRO B 56 0.24 23.59 14.75
CA PRO B 56 1.56 23.72 15.38
C PRO B 56 1.48 23.58 16.89
N LEU B 57 2.64 23.36 17.50
CA LEU B 57 2.76 23.19 18.94
C LEU B 57 3.31 24.47 19.58
N THR B 58 2.75 24.82 20.73
CA THR B 58 3.30 25.92 21.50
C THR B 58 4.62 25.50 22.16
N ASP B 59 5.39 26.51 22.59
CA ASP B 59 6.62 26.21 23.31
C ASP B 59 6.34 25.40 24.58
N GLN B 60 5.14 25.51 25.12
CA GLN B 60 4.74 24.68 26.26
C GLN B 60 4.75 23.20 25.88
N SER B 61 3.98 22.85 24.85
CA SER B 61 3.85 21.44 24.47
C SER B 61 5.18 20.86 24.01
N LYS B 62 6.04 21.67 23.41
CA LYS B 62 7.36 21.19 23.01
C LYS B 62 8.21 20.85 24.22
N GLU B 63 8.15 21.68 25.27
CA GLU B 63 8.89 21.38 26.49
C GLU B 63 8.29 20.21 27.24
N ILE B 64 6.96 20.05 27.18
CA ILE B 64 6.31 18.91 27.83
C ILE B 64 6.81 17.61 27.23
N LEU B 65 6.91 17.55 25.90
CA LEU B 65 7.42 16.34 25.24
C LEU B 65 8.85 16.05 25.67
N ILE B 66 9.71 17.07 25.67
CA ILE B 66 11.11 16.87 26.05
C ILE B 66 11.21 16.31 27.45
N GLN B 67 10.39 16.83 28.37
CA GLN B 67 10.45 16.36 29.76
C GLN B 67 9.88 14.96 29.92
N LYS B 68 8.87 14.60 29.13
CA LYS B 68 8.27 13.27 29.24
C LYS B 68 9.00 12.22 28.43
N ILE B 69 9.71 12.62 27.38
CA ILE B 69 10.49 11.65 26.60
C ILE B 69 11.83 11.36 27.26
N ARG B 70 12.38 12.33 27.99
CA ARG B 70 13.69 12.18 28.63
C ARG B 70 13.82 10.94 29.49
N PRO B 71 12.92 10.64 30.45
CA PRO B 71 13.19 9.54 31.39
C PRO B 71 13.27 8.18 30.72
N ILE B 72 12.67 8.00 29.55
CA ILE B 72 12.60 6.68 28.92
C ILE B 72 13.42 6.67 27.63
N SER B 73 14.43 7.54 27.56
CA SER B 73 15.34 7.59 26.43
C SER B 73 16.78 7.48 26.93
N LYS B 74 17.58 6.67 26.23
CA LYS B 74 18.98 6.51 26.59
C LYS B 74 19.71 7.85 26.50
N LYS B 75 20.71 8.02 27.36
CA LYS B 75 21.55 9.21 27.37
C LYS B 75 22.96 8.86 26.89
N ILE B 76 23.65 9.86 26.35
CA ILE B 76 24.98 9.64 25.77
C ILE B 76 25.94 9.22 26.88
N GLY B 77 26.57 8.06 26.70
CA GLY B 77 27.56 7.56 27.64
C GLY B 77 27.07 6.53 28.62
N ASP B 78 25.80 6.15 28.57
CA ASP B 78 25.24 5.21 29.53
C ASP B 78 25.61 3.78 29.18
N LYS B 79 25.82 2.98 30.23
CA LYS B 79 25.79 1.52 30.10
C LYS B 79 24.35 1.03 30.32
N SER B 80 23.48 1.54 29.46
CA SER B 80 22.05 1.40 29.64
C SER B 80 21.47 0.26 28.80
N ASN B 81 20.35 -0.27 29.27
CA ASN B 81 19.59 -1.26 28.52
C ASN B 81 18.68 -0.64 27.47
N LEU B 82 18.47 0.67 27.53
CA LEU B 82 17.57 1.37 26.63
C LEU B 82 18.28 1.74 25.33
N ARG B 83 17.53 2.38 24.43
CA ARG B 83 18.07 2.88 23.18
C ARG B 83 17.75 4.36 23.05
N TYR B 84 18.58 5.06 22.28
CA TYR B 84 18.32 6.48 22.04
C TYR B 84 17.02 6.64 21.28
N ILE B 85 16.27 7.69 21.63
CA ILE B 85 14.99 7.98 21.01
C ILE B 85 15.13 9.26 20.20
N GLU B 86 14.84 9.18 18.91
CA GLU B 86 14.75 10.35 18.04
C GLU B 86 13.30 10.55 17.64
N LEU B 87 12.77 11.74 17.92
CA LEU B 87 11.40 12.10 17.58
C LEU B 87 11.42 13.34 16.70
N THR B 88 10.80 13.26 15.54
CA THR B 88 10.65 14.38 14.63
C THR B 88 9.17 14.57 14.33
N ILE B 89 8.71 15.82 14.43
CA ILE B 89 7.29 16.15 14.28
C ILE B 89 7.11 17.08 13.10
N ILE B 90 6.20 16.72 12.19
CA ILE B 90 5.89 17.52 11.02
C ILE B 90 4.40 17.82 11.01
N ILE B 91 4.04 18.88 10.29
CA ILE B 91 2.65 19.30 10.14
C ILE B 91 2.20 18.93 8.73
N GLN B 92 1.04 18.28 8.63
CA GLN B 92 0.55 17.81 7.33
C GLN B 92 0.31 18.97 6.38
N GLN B 93 -0.24 20.08 6.89
CA GLN B 93 -0.51 21.22 6.03
C GLN B 93 0.78 21.85 5.50
N GLU B 94 1.86 21.81 6.29
CA GLU B 94 3.13 22.40 5.90
C GLU B 94 3.94 21.51 4.98
N MET B 95 3.33 20.49 4.38
CA MET B 95 4.03 19.61 3.46
C MET B 95 3.55 19.73 2.02
N VAL B 96 2.37 20.29 1.79
CA VAL B 96 1.80 20.38 0.45
C VAL B 96 1.58 21.84 0.08
N PRO B 97 1.92 22.27 -1.15
CA PRO B 97 2.62 21.46 -2.15
C PRO B 97 4.07 21.21 -1.74
N TRP B 98 4.70 20.17 -2.28
CA TRP B 98 6.03 19.78 -1.83
C TRP B 98 7.02 20.92 -2.06
N ASN B 99 7.91 21.11 -1.08
CA ASN B 99 8.91 22.17 -1.14
C ASN B 99 10.11 21.76 -0.30
N HIS B 100 11.27 21.61 -0.96
CA HIS B 100 12.53 21.33 -0.29
C HIS B 100 13.32 22.62 -0.10
N PRO B 101 13.82 22.92 1.10
CA PRO B 101 13.71 22.11 2.32
C PRO B 101 12.36 22.23 3.03
N PRO B 102 11.91 21.14 3.65
CA PRO B 102 10.59 21.13 4.28
C PRO B 102 10.58 21.92 5.59
N LYS B 103 9.38 22.06 6.15
CA LYS B 103 9.18 22.73 7.43
C LYS B 103 9.08 21.67 8.53
N GLN B 104 9.94 21.79 9.53
CA GLN B 104 9.99 20.87 10.65
C GLN B 104 9.55 21.59 11.92
N GLU B 105 8.62 20.97 12.64
CA GLU B 105 8.01 21.61 13.81
C GLU B 105 8.78 21.35 15.10
N PHE B 106 9.26 20.13 15.29
CA PHE B 106 9.97 19.78 16.52
C PHE B 106 10.88 18.59 16.24
N ILE B 107 11.97 18.50 17.00
CA ILE B 107 12.85 17.34 16.98
C ILE B 107 13.28 17.03 18.41
N TYR B 108 13.42 15.74 18.69
CA TYR B 108 14.04 15.26 19.92
C TYR B 108 15.30 14.50 19.54
N GLY B 109 16.44 14.90 20.11
CA GLY B 109 17.69 14.23 19.82
C GLY B 109 18.66 14.28 20.98
N GLU B 110 19.21 13.13 21.35
CA GLU B 110 20.16 13.08 22.46
C GLU B 110 21.45 13.83 22.15
N TRP B 111 21.75 14.08 20.87
CA TRP B 111 22.83 14.98 20.52
C TRP B 111 22.51 16.43 20.89
N LEU B 112 21.25 16.73 21.19
CA LEU B 112 20.81 18.06 21.62
C LEU B 112 20.43 18.09 23.10
N GLN B 113 20.65 16.99 23.83
CA GLN B 113 20.22 16.93 25.23
C GLN B 113 20.91 18.01 26.06
N GLU B 114 22.17 18.30 25.76
CA GLU B 114 22.90 19.32 26.50
C GLU B 114 22.34 20.71 26.26
N LEU B 115 21.52 20.89 25.23
CA LEU B 115 20.79 22.13 25.04
C LEU B 115 19.41 22.10 25.70
N TYR B 116 18.75 20.94 25.69
CA TYR B 116 17.47 20.81 26.38
C TYR B 116 17.60 21.13 27.86
N GLU B 117 18.76 20.84 28.45
CA GLU B 117 18.97 21.15 29.86
C GLU B 117 18.99 22.64 30.11
N GLN B 118 19.56 23.41 29.17
CA GLN B 118 19.69 24.85 29.33
C GLN B 118 18.44 25.61 28.91
N GLY B 119 17.34 24.92 28.63
CA GLY B 119 16.09 25.57 28.29
C GLY B 119 15.84 25.77 26.82
N TYR B 120 16.47 24.99 25.95
CA TYR B 120 16.28 25.13 24.52
C TYR B 120 15.00 24.43 24.08
N ILE B 121 14.23 25.10 23.22
CA ILE B 121 13.00 24.55 22.67
C ILE B 121 13.07 24.62 21.15
N PRO B 122 13.17 23.48 20.45
CA PRO B 122 13.27 23.52 18.98
C PRO B 122 12.08 24.20 18.32
N GLN B 123 12.29 25.42 17.84
CA GLN B 123 11.23 26.15 17.18
C GLN B 123 11.16 25.76 15.70
N LYS B 124 10.08 26.19 15.05
CA LYS B 124 9.87 25.86 13.65
C LYS B 124 11.04 26.34 12.79
N GLU B 125 11.55 25.45 11.95
CA GLU B 125 12.74 25.76 11.18
C GLU B 125 12.79 24.85 9.95
N LEU B 126 13.69 25.19 9.04
CA LEU B 126 13.92 24.40 7.84
C LEU B 126 14.96 23.32 8.11
N ASN B 127 14.81 22.19 7.43
CA ASN B 127 15.70 21.05 7.64
C ASN B 127 15.76 20.24 6.34
N SER B 128 16.91 20.27 5.68
CA SER B 128 17.05 19.53 4.43
C SER B 128 17.18 18.03 4.66
N ASP B 129 17.73 17.64 5.81
CA ASP B 129 17.84 16.22 6.12
C ASP B 129 16.47 15.57 6.23
N LEU B 130 15.45 16.37 6.55
CA LEU B 130 14.09 15.83 6.68
C LEU B 130 13.58 15.28 5.34
N THR B 131 14.04 15.85 4.22
CA THR B 131 13.68 15.31 2.92
C THR B 131 14.18 13.88 2.75
N ILE B 132 15.41 13.61 3.21
CA ILE B 132 15.94 12.25 3.17
C ILE B 132 15.13 11.34 4.08
N MET B 133 14.72 11.84 5.25
CA MET B 133 13.94 11.03 6.18
C MET B 133 12.60 10.63 5.57
N LEU B 134 11.89 11.61 5.01
CA LEU B 134 10.54 11.37 4.52
C LEU B 134 10.56 10.45 3.31
N TYR B 135 11.48 10.69 2.36
CA TYR B 135 11.65 9.76 1.25
C TYR B 135 11.96 8.36 1.76
N GLN B 136 12.80 8.27 2.80
CA GLN B 136 13.08 6.99 3.42
C GLN B 136 11.86 6.43 4.16
N ALA B 137 11.05 7.31 4.74
CA ALA B 137 9.95 6.86 5.60
C ALA B 137 8.76 6.36 4.79
N LYS B 138 8.42 7.05 3.69
CA LYS B 138 7.27 6.63 2.89
C LYS B 138 7.46 5.24 2.30
N ARG B 139 8.71 4.88 1.98
CA ARG B 139 8.94 3.59 1.33
C ARG B 139 8.85 2.43 2.32
N LYS B 140 9.40 2.61 3.52
CA LYS B 140 9.35 1.57 4.55
C LYS B 140 9.22 2.22 5.92
N ASN B 141 8.18 1.82 6.66
CA ASN B 141 7.98 2.30 8.01
C ASN B 141 7.01 1.36 8.73
N LYS B 142 6.82 1.60 10.02
CA LYS B 142 5.83 0.89 10.82
C LYS B 142 4.88 1.89 11.43
N ARG B 143 3.58 1.66 11.24
CA ARG B 143 2.55 2.48 11.88
C ARG B 143 2.29 1.95 13.27
N ILE B 144 2.52 2.79 14.28
CA ILE B 144 2.20 2.44 15.66
C ILE B 144 1.01 3.23 16.19
N TYR B 145 0.52 4.22 15.46
CA TYR B 145 -0.67 4.96 15.83
C TYR B 145 -1.16 5.73 14.61
N GLY B 146 -2.48 5.92 14.53
CA GLY B 146 -3.05 6.74 13.49
C GLY B 146 -4.05 6.03 12.60
N ASN B 147 -5.01 6.79 12.07
CA ASN B 147 -6.01 6.24 11.16
C ASN B 147 -5.49 6.06 9.74
N TYR B 148 -4.32 6.59 9.42
CA TYR B 148 -3.80 6.55 8.06
C TYR B 148 -2.38 6.02 8.07
N ASP B 149 -1.95 5.52 6.91
CA ASP B 149 -0.54 5.24 6.70
C ASP B 149 0.17 6.52 6.29
N LEU B 150 1.46 6.61 6.65
CA LEU B 150 2.25 7.78 6.30
C LEU B 150 2.28 8.00 4.80
N GLU B 151 2.21 6.91 4.02
CA GLU B 151 2.11 7.01 2.58
C GLU B 151 0.87 7.78 2.13
N GLU B 152 -0.17 7.84 2.97
CA GLU B 152 -1.38 8.58 2.69
C GLU B 152 -1.34 10.02 3.18
N LEU B 153 -0.25 10.42 3.84
CA LEU B 153 -0.16 11.75 4.45
C LEU B 153 0.92 12.62 3.83
N LEU B 154 1.68 12.11 2.87
CA LEU B 154 2.77 12.87 2.29
C LEU B 154 2.73 12.82 0.78
N PRO B 155 3.02 13.93 0.11
CA PRO B 155 3.18 13.90 -1.35
C PRO B 155 4.46 13.16 -1.72
N ASP B 156 4.55 12.80 -3.00
CA ASP B 156 5.72 12.07 -3.48
C ASP B 156 6.92 13.01 -3.50
N ILE B 157 7.90 12.75 -2.64
CA ILE B 157 9.16 13.49 -2.63
C ILE B 157 9.98 13.04 -3.83
N PRO B 158 10.22 13.92 -4.81
CA PRO B 158 11.00 13.51 -5.98
C PRO B 158 12.45 13.27 -5.59
N PHE B 159 13.12 12.45 -6.41
CA PHE B 159 14.53 12.14 -6.16
C PHE B 159 15.39 13.39 -6.28
N SER B 160 15.09 14.24 -7.26
CA SER B 160 15.89 15.45 -7.48
C SER B 160 16.06 16.25 -6.21
N ASP B 161 15.07 16.22 -5.31
CA ASP B 161 15.22 16.88 -4.02
C ASP B 161 16.03 16.04 -3.04
N VAL B 162 15.97 14.71 -3.15
CA VAL B 162 16.79 13.86 -2.29
C VAL B 162 18.27 14.06 -2.59
N ARG B 163 18.62 14.19 -3.87
CA ARG B 163 19.99 14.56 -4.25
C ARG B 163 20.39 15.89 -3.62
N ARG B 164 19.50 16.89 -3.73
CA ARG B 164 19.75 18.18 -3.10
C ARG B 164 19.93 18.02 -1.60
N ALA B 165 19.04 17.25 -0.97
CA ALA B 165 19.11 17.07 0.48
C ALA B 165 20.41 16.37 0.88
N ILE B 166 20.86 15.40 0.07
CA ILE B 166 22.11 14.71 0.37
C ILE B 166 23.28 15.69 0.29
N MET B 167 23.36 16.45 -0.80
CA MET B 167 24.47 17.38 -0.97
C MET B 167 24.40 18.53 0.04
N ASP B 168 23.18 18.95 0.41
CA ASP B 168 23.06 20.04 1.37
C ASP B 168 23.43 19.57 2.79
N SER B 169 22.93 18.40 3.19
CA SER B 169 23.22 17.88 4.52
C SER B 169 24.63 17.33 4.66
N SER B 170 25.29 17.01 3.56
CA SER B 170 26.66 16.49 3.64
C SER B 170 27.61 17.53 4.22
N GLU B 171 27.33 18.82 4.00
CA GLU B 171 28.20 19.86 4.51
C GLU B 171 28.05 20.01 6.03
N GLU B 172 26.89 19.63 6.57
CA GLU B 172 26.72 19.63 8.02
C GLU B 172 27.46 18.47 8.66
N LEU B 173 27.49 17.32 7.98
CA LEU B 173 28.05 16.11 8.57
C LEU B 173 29.57 16.19 8.66
N ILE B 174 30.22 16.62 7.57
CA ILE B 174 31.67 16.69 7.51
C ILE B 174 32.23 17.68 8.53
N ASP B 175 31.40 18.56 9.07
CA ASP B 175 31.86 19.55 10.03
C ASP B 175 31.74 19.08 11.46
N ASN B 176 30.78 18.21 11.76
CA ASN B 176 30.54 17.72 13.12
C ASN B 176 30.80 16.23 13.24
N TYR B 177 31.74 15.72 12.45
CA TYR B 177 32.15 14.30 12.54
C TYR B 177 32.86 13.98 13.85
N GLN B 178 33.09 14.99 14.70
CA GLN B 178 33.70 14.75 16.00
C GLN B 178 32.79 13.89 16.88
N ASP B 179 33.41 12.93 17.57
CA ASP B 179 32.74 12.02 18.50
C ASP B 179 31.60 11.23 17.87
N ASP B 180 31.49 11.25 16.54
CA ASP B 180 30.49 10.48 15.82
C ASP B 180 31.12 9.88 14.57
N GLU B 181 32.37 9.46 14.69
CA GLU B 181 33.15 9.05 13.52
C GLU B 181 32.56 7.84 12.82
N THR B 182 31.94 6.93 13.57
CA THR B 182 31.42 5.71 12.96
C THR B 182 30.19 5.99 12.11
N ASN B 183 29.22 6.73 12.66
CA ASN B 183 28.02 7.04 11.91
C ASN B 183 28.31 8.00 10.75
N SER B 184 29.30 8.87 10.91
CA SER B 184 29.61 9.83 9.85
C SER B 184 30.20 9.13 8.63
N ILE B 185 31.12 8.19 8.86
CA ILE B 185 31.75 7.48 7.74
C ILE B 185 30.71 6.69 6.96
N LEU B 186 29.80 6.03 7.67
CA LEU B 186 28.83 5.17 7.00
C LEU B 186 27.74 5.97 6.31
N THR B 187 27.28 7.05 6.95
CA THR B 187 26.26 7.90 6.31
C THR B 187 26.79 8.48 5.01
N LEU B 188 28.06 8.88 4.97
CA LEU B 188 28.68 9.33 3.73
C LEU B 188 28.72 8.20 2.70
N CYS B 189 29.13 7.01 3.13
CA CYS B 189 28.99 5.83 2.27
C CYS B 189 27.54 5.64 1.87
N ARG B 190 26.61 5.86 2.80
CA ARG B 190 25.19 5.73 2.50
C ARG B 190 24.71 6.84 1.58
N MET B 191 25.37 8.00 1.61
CA MET B 191 25.02 9.09 0.71
C MET B 191 25.54 8.84 -0.70
N ILE B 192 26.75 8.29 -0.83
CA ILE B 192 27.33 8.06 -2.14
C ILE B 192 26.50 7.06 -2.94
N LEU B 193 26.06 5.99 -2.29
CA LEU B 193 25.26 4.98 -2.99
C LEU B 193 23.91 5.52 -3.40
N THR B 194 23.23 6.23 -2.49
CA THR B 194 21.90 6.77 -2.79
C THR B 194 21.94 7.68 -4.01
N MET B 195 23.04 8.42 -4.19
CA MET B 195 23.19 9.25 -5.38
C MET B 195 23.27 8.43 -6.66
N ASP B 196 23.51 7.13 -6.56
CA ASP B 196 23.68 6.27 -7.73
C ASP B 196 22.64 5.15 -7.79
N THR B 197 22.42 4.42 -6.69
CA THR B 197 21.58 3.24 -6.73
C THR B 197 20.09 3.56 -6.69
N GLY B 198 19.70 4.70 -6.13
CA GLY B 198 18.32 5.09 -6.09
C GLY B 198 17.57 4.69 -4.84
N LYS B 199 18.11 3.77 -4.05
CA LYS B 199 17.42 3.25 -2.88
C LYS B 199 18.31 3.44 -1.64
N ILE B 200 17.67 3.45 -0.48
CA ILE B 200 18.37 3.58 0.79
C ILE B 200 18.88 2.21 1.23
N ILE B 201 20.07 2.18 1.81
CA ILE B 201 20.73 0.94 2.20
C ILE B 201 21.03 1.01 3.70
N PRO B 202 20.97 -0.12 4.42
CA PRO B 202 21.47 -0.12 5.81
C PRO B 202 22.93 0.30 5.87
N LYS B 203 23.33 0.77 7.05
CA LYS B 203 24.66 1.35 7.21
C LYS B 203 25.77 0.32 6.99
N ASP B 204 25.55 -0.92 7.43
CA ASP B 204 26.59 -1.94 7.29
C ASP B 204 26.81 -2.31 5.83
N ILE B 205 25.75 -2.62 5.09
CA ILE B 205 25.89 -2.99 3.68
C ILE B 205 26.44 -1.80 2.88
N ALA B 206 25.91 -0.61 3.13
CA ALA B 206 26.40 0.57 2.42
C ALA B 206 27.87 0.83 2.71
N GLY B 207 28.29 0.57 3.95
CA GLY B 207 29.70 0.71 4.28
C GLY B 207 30.56 -0.28 3.51
N ASN B 208 30.13 -1.54 3.46
CA ASN B 208 30.90 -2.55 2.73
C ASN B 208 30.90 -2.26 1.24
N ALA B 209 29.80 -1.76 0.71
CA ALA B 209 29.72 -1.49 -0.73
C ALA B 209 30.74 -0.42 -1.13
N VAL B 210 30.74 0.72 -0.43
CA VAL B 210 31.67 1.79 -0.74
C VAL B 210 33.09 1.37 -0.42
N ALA B 211 33.27 0.45 0.52
CA ALA B 211 34.59 -0.05 0.89
C ALA B 211 35.30 -0.64 -0.32
N GLU B 212 34.82 -1.77 -0.83
CA GLU B 212 35.42 -2.47 -1.97
C GLU B 212 35.63 -1.55 -3.18
N SER B 213 35.01 -0.37 -3.17
CA SER B 213 35.14 0.59 -4.25
C SER B 213 36.04 1.77 -3.88
N SER B 214 36.86 1.62 -2.84
CA SER B 214 37.68 2.69 -2.31
C SER B 214 39.13 2.24 -2.23
N PRO B 215 40.08 3.18 -2.23
CA PRO B 215 41.49 2.82 -2.08
C PRO B 215 41.74 2.12 -0.75
N LEU B 216 42.86 1.38 -0.70
CA LEU B 216 43.19 0.58 0.47
C LEU B 216 43.22 1.42 1.74
N GLU B 217 43.75 2.64 1.65
CA GLU B 217 43.75 3.61 2.74
C GLU B 217 42.41 3.68 3.46
N HIS B 218 41.42 4.23 2.79
CA HIS B 218 40.13 4.49 3.41
C HIS B 218 39.26 3.23 3.48
N ARG B 219 39.48 2.28 2.58
CA ARG B 219 38.70 1.05 2.61
C ARG B 219 38.81 0.35 3.96
N GLU B 220 40.02 0.28 4.51
CA GLU B 220 40.20 -0.33 5.82
C GLU B 220 39.48 0.48 6.89
N ARG B 221 39.53 1.80 6.79
CA ARG B 221 38.83 2.65 7.76
C ARG B 221 37.32 2.53 7.61
N ILE B 222 36.83 2.38 6.37
CA ILE B 222 35.40 2.24 6.15
C ILE B 222 34.89 0.95 6.78
N LEU B 223 35.50 -0.19 6.42
CA LEU B 223 35.10 -1.45 7.02
C LEU B 223 35.42 -1.50 8.51
N LEU B 224 36.31 -0.64 8.99
CA LEU B 224 36.50 -0.50 10.43
C LEU B 224 35.26 0.10 11.07
N ALA B 225 34.60 1.03 10.38
CA ALA B 225 33.34 1.57 10.88
C ALA B 225 32.21 0.57 10.77
N VAL B 226 32.24 -0.28 9.74
CA VAL B 226 31.25 -1.36 9.63
C VAL B 226 31.34 -2.29 10.82
N ARG B 227 32.56 -2.61 11.25
CA ARG B 227 32.74 -3.47 12.42
C ARG B 227 32.25 -2.78 13.69
N SER B 228 32.41 -1.47 13.77
CA SER B 228 31.92 -0.74 14.93
C SER B 228 30.40 -0.65 14.94
N TYR B 229 29.79 -0.54 13.76
CA TYR B 229 28.34 -0.47 13.69
C TYR B 229 27.69 -1.79 14.11
N LEU B 230 28.39 -2.90 13.95
CA LEU B 230 27.85 -4.20 14.27
C LEU B 230 28.13 -4.64 15.71
N GLY B 231 28.97 -3.91 16.45
CA GLY B 231 29.15 -4.21 17.85
C GLY B 231 30.53 -4.00 18.43
N GLU B 232 31.57 -4.08 17.61
CA GLU B 232 32.93 -3.99 18.12
C GLU B 232 33.22 -2.61 18.70
N ASN B 233 34.03 -2.60 19.75
CA ASN B 233 34.41 -1.36 20.45
C ASN B 233 35.66 -0.81 19.77
N ILE B 234 35.44 0.02 18.76
CA ILE B 234 36.52 0.61 17.97
C ILE B 234 36.92 1.94 18.59
N GLU B 235 38.21 2.25 18.57
CA GLU B 235 38.78 3.43 19.20
C GLU B 235 39.44 4.26 18.11
N TRP B 236 38.87 5.43 17.82
CA TRP B 236 39.21 6.20 16.63
C TRP B 236 40.31 7.24 16.83
N THR B 237 41.00 7.23 17.98
CA THR B 237 41.92 8.32 18.29
C THR B 237 43.11 8.34 17.33
N ASN B 238 43.66 7.17 16.99
CA ASN B 238 44.88 7.10 16.21
C ASN B 238 44.65 6.74 14.75
N GLU B 239 43.39 6.56 14.32
CA GLU B 239 43.11 6.02 13.01
C GLU B 239 43.05 7.08 11.91
N ASN B 240 43.00 8.36 12.25
CA ASN B 240 42.94 9.47 11.30
C ASN B 240 41.67 9.39 10.44
N VAL B 241 40.56 9.71 11.08
CA VAL B 241 39.26 9.67 10.40
C VAL B 241 39.14 10.79 9.38
N ASN B 242 39.82 11.92 9.63
CA ASN B 242 39.67 13.09 8.76
C ASN B 242 40.09 12.80 7.33
N LEU B 243 41.04 11.88 7.12
CA LEU B 243 41.47 11.56 5.77
C LEU B 243 40.36 10.88 4.99
N THR B 244 39.67 9.92 5.59
CA THR B 244 38.57 9.25 4.91
C THR B 244 37.35 10.16 4.79
N ILE B 245 37.11 11.01 5.79
CA ILE B 245 36.00 11.96 5.70
C ILE B 245 36.19 12.87 4.50
N ASN B 246 37.42 13.37 4.29
CA ASN B 246 37.68 14.22 3.14
C ASN B 246 37.57 13.44 1.84
N TYR B 247 38.00 12.17 1.85
CA TYR B 247 37.90 11.35 0.64
C TYR B 247 36.44 11.11 0.27
N LEU B 248 35.64 10.60 1.22
CA LEU B 248 34.23 10.33 0.94
C LEU B 248 33.49 11.61 0.56
N ASN B 249 33.93 12.75 1.08
CA ASN B 249 33.32 14.02 0.70
C ASN B 249 33.61 14.34 -0.77
N ASN B 250 34.88 14.31 -1.16
CA ASN B 250 35.25 14.62 -2.54
C ASN B 250 34.63 13.61 -3.51
N ARG B 251 34.58 12.33 -3.11
CA ARG B 251 33.91 11.34 -3.95
C ARG B 251 32.43 11.65 -4.10
N LEU B 252 31.81 12.21 -3.05
CA LEU B 252 30.40 12.57 -3.14
C LEU B 252 30.19 13.77 -4.05
N LYS B 253 31.16 14.68 -4.11
CA LYS B 253 31.03 15.90 -4.90
C LYS B 253 31.22 15.66 -6.40
N LYS B 254 31.22 14.41 -6.85
CA LYS B 254 31.34 14.11 -8.27
C LYS B 254 30.16 13.27 -8.75
NA NA C . -23.06 -1.54 -2.29
MG MG D . -22.40 -13.55 -8.19
MG MG E . -20.62 -9.01 -7.47
PG ATP F . -21.00 -12.59 -4.71
O1G ATP F . -21.87 -13.38 -3.79
O2G ATP F . -20.49 -11.29 -4.09
O3G ATP F . -21.68 -12.26 -6.04
PB ATP F . -19.09 -13.80 -6.53
O1B ATP F . -18.16 -14.94 -6.43
O2B ATP F . -20.25 -13.92 -7.50
O3B ATP F . -19.70 -13.43 -5.11
PA ATP F . -18.63 -11.28 -7.91
O1A ATP F . -18.50 -9.95 -7.27
O2A ATP F . -19.99 -11.57 -8.55
O3A ATP F . -18.31 -12.45 -6.89
O5' ATP F . -17.50 -11.50 -9.04
C5' ATP F . -16.11 -11.60 -8.66
C4' ATP F . -15.35 -10.50 -9.34
O4' ATP F . -14.02 -10.41 -8.76
C3' ATP F . -15.15 -10.66 -10.85
O3' ATP F . -15.27 -9.42 -11.50
C2' ATP F . -13.73 -11.22 -10.94
O2' ATP F . -13.12 -10.90 -12.19
C1' ATP F . -13.06 -10.48 -9.80
N9 ATP F . -11.84 -11.10 -9.27
C8 ATP F . -10.61 -10.53 -9.16
N7 ATP F . -9.69 -11.33 -8.66
C5 ATP F . -10.38 -12.51 -8.42
C6 ATP F . -9.97 -13.75 -7.90
N6 ATP F . -8.73 -14.02 -7.51
N1 ATP F . -10.91 -14.72 -7.80
C2 ATP F . -12.15 -14.46 -8.20
N3 ATP F . -12.65 -13.33 -8.71
C4 ATP F . -11.71 -12.38 -8.79
O1 SCM G . -21.58 -5.51 -8.07
C2 SCM G . -22.66 -4.70 -7.56
C2M SCM G . -23.65 -4.54 -8.68
C3 SCM G . -22.09 -3.39 -7.05
C4 SCM G . -20.96 -3.65 -6.09
O4 SCM G . -20.93 -3.14 -5.00
C5 SCM G . -19.90 -4.64 -6.63
O5 SCM G . -18.98 -4.98 -5.65
C6 SCM G . -20.62 -5.91 -7.12
O1B SCM G . -19.24 -3.97 -7.69
O2B SCM G . -19.71 -6.74 -7.79
C7 SCM G . -18.36 -4.85 -8.43
C8 SCM G . -17.79 -4.09 -9.62
N8 SCM G . -16.99 -2.92 -9.20
C8M SCM G . -16.43 -2.17 -10.31
C9 SCM G . -16.91 -5.01 -10.47
O9 SCM G . -15.77 -5.40 -9.71
C10 SCM G . -17.69 -6.25 -10.90
N10 SCM G . -16.76 -7.11 -11.66
C1M SCM G . -16.89 -6.96 -13.11
C11 SCM G . -18.25 -7.00 -9.70
O11 SCM G . -18.99 -8.13 -10.14
C12 SCM G . -19.14 -6.05 -8.92
NA NA H . 27.96 8.49 20.44
MG MG I . 17.57 4.29 13.59
PG ATP J . 21.01 3.00 13.20
O1G ATP J . 22.22 3.78 13.61
O2G ATP J . 19.73 3.49 13.89
O3G ATP J . 21.16 1.50 13.45
PB ATP J . 19.60 3.91 10.83
O1B ATP J . 19.44 3.36 9.47
O2B ATP J . 18.37 3.93 11.71
O3B ATP J . 20.75 3.14 11.64
PA ATP J . 19.98 6.66 11.74
O1A ATP J . 21.26 7.07 12.37
O2A ATP J . 18.88 6.31 12.73
O3A ATP J . 20.19 5.40 10.79
O5' ATP J . 19.41 7.78 10.75
C5' ATP J . 20.12 8.11 9.54
C4' ATP J . 20.17 9.61 9.37
O4' ATP J . 21.04 9.95 8.27
C3' ATP J . 18.82 10.27 9.07
O3' ATP J . 18.74 11.56 9.68
C2' ATP J . 18.85 10.38 7.55
O2' ATP J . 18.01 11.43 7.07
C1' ATP J . 20.32 10.68 7.31
N9 ATP J . 20.83 10.34 5.99
C8 ATP J . 21.68 11.11 5.22
N7 ATP J . 21.98 10.57 4.06
C5 ATP J . 21.29 9.37 4.06
C6 ATP J . 21.18 8.35 3.09
N6 ATP J . 21.80 8.36 1.91
N1 ATP J . 20.39 7.29 3.40
C2 ATP J . 19.77 7.27 4.58
N3 ATP J . 19.80 8.17 5.56
C4 ATP J . 20.58 9.22 5.23
O1 SCM K . 22.02 9.62 17.16
C2 SCM K . 22.75 9.52 18.39
C2M SCM K . 21.80 9.91 19.50
C3 SCM K . 23.98 10.40 18.31
C4 SCM K . 24.78 10.08 17.08
O4 SCM K . 25.97 9.89 17.12
C5 SCM K . 23.94 9.98 15.79
O5 SCM K . 24.68 9.43 14.76
C6 SCM K . 22.70 9.11 16.04
O1B SCM K . 23.60 11.32 15.46
O2B SCM K . 21.80 9.21 14.96
C7 SCM K . 22.66 11.39 14.37
C8 SCM K . 22.28 12.85 14.18
N8 SCM K . 23.43 13.65 13.74
C8M SCM K . 23.11 15.05 13.48
C9 SCM K . 21.19 12.96 13.12
O9 SCM K . 21.69 12.48 11.88
C10 SCM K . 19.98 12.12 13.54
N10 SCM K . 18.92 12.35 12.54
C1M SCM K . 18.62 13.76 12.31
C11 SCM K . 20.38 10.65 13.64
O11 SCM K . 19.24 9.86 13.97
C12 SCM K . 21.42 10.57 14.74
#